data_7G17
#
_entry.id   7G17
#
_cell.length_a   32.222
_cell.length_b   53.770
_cell.length_c   74.960
_cell.angle_alpha   90.000
_cell.angle_beta   90.000
_cell.angle_gamma   90.000
#
_symmetry.space_group_name_H-M   'P 21 21 21'
#
loop_
_entity.id
_entity.type
_entity.pdbx_description
1 polymer 'Fatty acid-binding protein, adipocyte'
2 non-polymer '2-{[(1H-indol-7-yl)oxy]methyl}-1,3-thiazole-4-carboxylic acid'
3 non-polymer 1,2-ETHANEDIOL
4 non-polymer 'SULFATE ION'
5 water water
#
_entity_poly.entity_id   1
_entity_poly.type   'polypeptide(L)'
_entity_poly.pdbx_seq_one_letter_code
;GSHMCDAFVGTWKLVSSENFDDYMKEVGVGFATRKVAGMAKPNMIISVNGDVITIKSESTFKNTEISFILGQEFDEVTAD
DRKVKSTITLDGGVLVHVQKWDGKSTTIKRKREDDKLVVECVMKGVTSTRVYERA
;
_entity_poly.pdbx_strand_id   A
#
loop_
_chem_comp.id
_chem_comp.type
_chem_comp.name
_chem_comp.formula
EDO non-polymer 1,2-ETHANEDIOL 'C2 H6 O2'
SO4 non-polymer 'SULFATE ION' 'O4 S -2'
WMQ non-polymer '2-{[(1H-indol-7-yl)oxy]methyl}-1,3-thiazole-4-carboxylic acid' 'C13 H10 N2 O3 S'
#
# COMPACT_ATOMS: atom_id res chain seq x y z
N SER A 2 -6.97 21.49 10.20
CA SER A 2 -6.68 20.79 8.95
C SER A 2 -5.22 20.55 9.14
N HIS A 3 -4.61 19.76 8.24
CA HIS A 3 -3.35 19.14 8.52
C HIS A 3 -2.91 18.17 7.44
N MET A 4 -1.96 17.37 7.93
CA MET A 4 -0.90 16.74 7.13
C MET A 4 -1.39 15.84 6.03
N CYS A 5 -2.40 15.06 6.33
CA CYS A 5 -2.97 14.13 5.39
C CYS A 5 -4.45 14.30 5.12
N ASP A 6 -4.97 15.51 5.24
CA ASP A 6 -6.38 15.65 5.17
C ASP A 6 -7.04 15.07 3.96
N ALA A 7 -6.43 15.24 2.81
CA ALA A 7 -7.08 14.83 1.57
C ALA A 7 -7.02 13.30 1.43
N PHE A 8 -6.19 12.60 2.19
CA PHE A 8 -6.20 11.11 2.15
C PHE A 8 -7.20 10.49 3.09
N VAL A 9 -7.65 11.18 4.09
CA VAL A 9 -8.49 10.53 5.11
CA VAL A 9 -8.47 10.52 5.11
C VAL A 9 -9.82 10.14 4.47
N GLY A 10 -10.30 8.98 4.86
CA GLY A 10 -11.62 8.53 4.40
C GLY A 10 -11.57 7.03 4.14
N THR A 11 -12.63 6.58 3.50
CA THR A 11 -12.84 5.18 3.10
C THR A 11 -12.83 5.14 1.62
N TRP A 12 -12.01 4.28 1.05
CA TRP A 12 -11.75 4.20 -0.35
C TRP A 12 -11.97 2.76 -0.85
N LYS A 13 -12.48 2.61 -2.04
CA LYS A 13 -12.72 1.31 -2.64
C LYS A 13 -11.97 1.16 -3.96
N LEU A 14 -11.43 -0.04 -4.18
CA LEU A 14 -10.65 -0.32 -5.40
C LEU A 14 -11.57 -0.30 -6.60
N VAL A 15 -11.18 0.46 -7.62
CA VAL A 15 -11.88 0.47 -8.87
C VAL A 15 -11.13 -0.05 -10.05
N SER A 16 -9.80 -0.03 -10.07
CA SER A 16 -9.07 -0.62 -11.14
C SER A 16 -7.68 -1.04 -10.67
N SER A 17 -7.08 -1.97 -11.40
CA SER A 17 -5.72 -2.44 -11.15
C SER A 17 -5.04 -2.77 -12.45
N GLU A 18 -3.76 -2.50 -12.53
CA GLU A 18 -2.95 -2.92 -13.66
C GLU A 18 -1.63 -3.44 -13.12
N ASN A 19 -1.22 -4.58 -13.67
CA ASN A 19 0.05 -5.21 -13.45
CA ASN A 19 0.10 -5.17 -13.44
C ASN A 19 0.31 -5.69 -12.03
N PHE A 20 -0.76 -5.86 -11.20
CA PHE A 20 -0.51 -6.23 -9.83
C PHE A 20 0.02 -7.65 -9.71
N ASP A 21 -0.45 -8.58 -10.54
CA ASP A 21 0.08 -9.93 -10.50
C ASP A 21 1.59 -9.92 -10.73
N ASP A 22 2.05 -9.19 -11.75
CA ASP A 22 3.47 -9.11 -12.02
CA ASP A 22 3.47 -9.13 -12.00
C ASP A 22 4.28 -8.44 -10.90
N TYR A 23 3.71 -7.37 -10.29
CA TYR A 23 4.35 -6.77 -9.13
C TYR A 23 4.51 -7.81 -8.05
N MET A 24 3.47 -8.55 -7.74
CA MET A 24 3.55 -9.55 -6.69
C MET A 24 4.60 -10.64 -7.04
N LYS A 25 4.64 -11.05 -8.29
CA LYS A 25 5.69 -12.01 -8.74
C LYS A 25 7.10 -11.46 -8.43
N GLU A 26 7.30 -10.18 -8.74
N GLU A 26 7.30 -10.18 -8.74
CA GLU A 26 8.59 -9.53 -8.51
CA GLU A 26 8.59 -9.54 -8.51
C GLU A 26 8.96 -9.52 -7.01
C GLU A 26 8.96 -9.52 -7.01
N VAL A 27 7.96 -9.28 -6.17
CA VAL A 27 8.14 -9.25 -4.73
C VAL A 27 8.45 -10.64 -4.18
N GLY A 28 8.05 -11.68 -4.88
CA GLY A 28 8.24 -13.06 -4.48
C GLY A 28 7.05 -13.81 -3.99
N VAL A 29 5.85 -13.30 -4.22
CA VAL A 29 4.61 -13.90 -3.73
C VAL A 29 4.34 -15.17 -4.52
N GLY A 30 3.96 -16.23 -3.86
CA GLY A 30 3.65 -17.52 -4.50
C GLY A 30 2.33 -17.52 -5.22
N PHE A 31 2.12 -18.56 -6.03
CA PHE A 31 1.00 -18.59 -6.95
C PHE A 31 -0.33 -18.45 -6.24
N ALA A 32 -0.62 -19.27 -5.23
CA ALA A 32 -1.97 -19.29 -4.70
C ALA A 32 -2.30 -17.96 -4.00
N THR A 33 -1.31 -17.40 -3.30
CA THR A 33 -1.49 -16.08 -2.64
C THR A 33 -1.73 -15.03 -3.73
N ARG A 34 -0.96 -15.06 -4.81
CA ARG A 34 -1.20 -14.08 -5.87
C ARG A 34 -2.61 -14.17 -6.40
N LYS A 35 -3.10 -15.39 -6.64
CA LYS A 35 -4.44 -15.51 -7.24
C LYS A 35 -5.50 -14.96 -6.30
N VAL A 36 -5.45 -15.32 -5.06
CA VAL A 36 -6.49 -14.85 -4.12
C VAL A 36 -6.34 -13.36 -3.78
N ALA A 37 -5.13 -12.91 -3.62
CA ALA A 37 -4.86 -11.50 -3.37
C ALA A 37 -5.19 -10.61 -4.54
N GLY A 38 -4.93 -11.13 -5.71
CA GLY A 38 -5.20 -10.36 -6.91
C GLY A 38 -6.70 -10.22 -7.17
N MET A 39 -7.46 -11.19 -6.75
CA MET A 39 -8.93 -11.16 -6.84
C MET A 39 -9.55 -10.24 -5.79
N ALA A 40 -8.85 -9.87 -4.75
CA ALA A 40 -9.43 -9.05 -3.70
C ALA A 40 -9.84 -7.67 -4.24
N LYS A 41 -10.82 -7.12 -3.61
CA LYS A 41 -11.29 -5.79 -3.90
C LYS A 41 -11.25 -4.95 -2.61
N PRO A 42 -10.07 -4.58 -2.12
CA PRO A 42 -9.97 -4.04 -0.79
C PRO A 42 -10.65 -2.67 -0.66
N ASN A 43 -11.11 -2.43 0.56
CA ASN A 43 -11.38 -1.06 1.02
C ASN A 43 -10.22 -0.59 1.86
N MET A 44 -9.72 0.59 1.57
CA MET A 44 -8.68 1.24 2.30
C MET A 44 -9.27 2.33 3.16
N ILE A 45 -8.95 2.30 4.43
CA ILE A 45 -9.51 3.24 5.40
C ILE A 45 -8.32 3.98 6.01
N ILE A 46 -8.24 5.30 5.78
CA ILE A 46 -7.15 6.11 6.25
C ILE A 46 -7.69 7.07 7.28
N SER A 47 -7.05 7.17 8.44
CA SER A 47 -7.44 8.08 9.51
C SER A 47 -6.21 8.66 10.14
N VAL A 48 -6.39 9.79 10.83
CA VAL A 48 -5.31 10.49 11.51
C VAL A 48 -5.79 10.92 12.87
N ASN A 49 -4.97 10.69 13.88
CA ASN A 49 -5.26 11.15 15.26
C ASN A 49 -3.97 11.72 15.77
N GLY A 50 -3.90 13.03 15.92
CA GLY A 50 -2.69 13.70 16.24
C GLY A 50 -1.67 13.44 15.17
N ASP A 51 -0.48 12.97 15.57
CA ASP A 51 0.58 12.65 14.63
C ASP A 51 0.57 11.20 14.15
N VAL A 52 -0.39 10.42 14.55
CA VAL A 52 -0.44 9.00 14.22
C VAL A 52 -1.43 8.79 13.06
N ILE A 53 -0.92 8.22 11.97
CA ILE A 53 -1.73 7.86 10.81
C ILE A 53 -2.01 6.37 10.88
N THR A 54 -3.25 5.98 10.62
CA THR A 54 -3.63 4.58 10.52
C THR A 54 -4.18 4.30 9.13
N ILE A 55 -3.66 3.24 8.52
CA ILE A 55 -4.14 2.77 7.23
C ILE A 55 -4.60 1.29 7.43
N LYS A 56 -5.87 1.07 7.18
CA LYS A 56 -6.42 -0.25 7.18
C LYS A 56 -6.77 -0.67 5.78
N SER A 57 -6.59 -1.96 5.46
CA SER A 57 -6.99 -2.55 4.17
C SER A 57 -7.80 -3.77 4.46
N GLU A 58 -9.04 -3.77 4.04
CA GLU A 58 -9.98 -4.84 4.33
C GLU A 58 -10.49 -5.48 3.11
N SER A 59 -10.37 -6.81 3.07
CA SER A 59 -10.87 -7.59 1.94
C SER A 59 -11.13 -8.99 2.38
N THR A 60 -11.68 -9.75 1.45
CA THR A 60 -11.92 -11.19 1.72
C THR A 60 -10.59 -11.95 1.82
N PHE A 61 -9.54 -11.42 1.21
CA PHE A 61 -8.21 -12.03 1.32
C PHE A 61 -7.59 -11.84 2.70
N LYS A 62 -7.46 -10.61 3.14
CA LYS A 62 -6.84 -10.33 4.41
CA LYS A 62 -6.86 -10.35 4.44
C LYS A 62 -7.32 -8.95 4.88
N ASN A 63 -7.37 -8.77 6.15
CA ASN A 63 -7.54 -7.45 6.77
C ASN A 63 -6.19 -7.09 7.43
N THR A 64 -5.65 -5.92 7.06
CA THR A 64 -4.45 -5.43 7.63
C THR A 64 -4.66 -4.07 8.27
N GLU A 65 -3.79 -3.69 9.20
CA GLU A 65 -3.83 -2.37 9.83
C GLU A 65 -2.43 -1.99 10.17
N ILE A 66 -1.98 -0.81 9.76
CA ILE A 66 -0.75 -0.22 10.20
C ILE A 66 -1.02 1.16 10.80
N SER A 67 -0.30 1.47 11.88
CA SER A 67 -0.30 2.81 12.47
C SER A 67 1.15 3.26 12.56
N PHE A 68 1.40 4.54 12.33
CA PHE A 68 2.75 5.01 12.21
C PHE A 68 2.76 6.55 12.35
N ILE A 69 3.97 7.03 12.60
CA ILE A 69 4.34 8.46 12.56
C ILE A 69 5.22 8.69 11.37
N LEU A 70 4.99 9.75 10.60
CA LEU A 70 5.80 10.00 9.40
C LEU A 70 7.27 10.07 9.77
N GLY A 71 8.06 9.40 8.95
CA GLY A 71 9.49 9.35 9.07
C GLY A 71 10.05 8.45 10.16
N GLN A 72 9.19 7.71 10.86
CA GLN A 72 9.59 6.87 11.97
C GLN A 72 9.35 5.41 11.62
N GLU A 73 10.44 4.66 11.49
CA GLU A 73 10.40 3.29 11.04
C GLU A 73 9.59 2.43 11.96
N PHE A 74 8.98 1.40 11.41
CA PHE A 74 8.21 0.42 12.14
C PHE A 74 8.37 -0.94 11.46
N ASP A 75 8.09 -1.98 12.24
CA ASP A 75 8.16 -3.35 11.70
C ASP A 75 6.72 -3.72 11.33
N GLU A 76 6.56 -4.26 10.14
CA GLU A 76 5.28 -4.59 9.53
C GLU A 76 5.25 -6.06 9.03
N VAL A 77 4.16 -6.75 9.29
CA VAL A 77 3.90 -8.02 8.62
C VAL A 77 2.90 -7.72 7.48
N THR A 78 3.37 -7.90 6.26
CA THR A 78 2.58 -7.53 5.10
C THR A 78 1.48 -8.60 4.84
N ALA A 79 0.51 -8.26 3.99
CA ALA A 79 -0.61 -9.16 3.71
C ALA A 79 -0.14 -10.49 3.13
N ASP A 80 0.97 -10.49 2.41
CA ASP A 80 1.60 -11.68 1.83
C ASP A 80 2.63 -12.31 2.79
N ASP A 81 2.64 -11.87 4.05
CA ASP A 81 3.44 -12.51 5.11
CA ASP A 81 3.42 -12.47 5.15
C ASP A 81 4.94 -12.28 5.06
N ARG A 82 5.38 -11.16 4.46
CA ARG A 82 6.76 -10.72 4.65
C ARG A 82 6.86 -9.95 5.98
N LYS A 83 8.02 -10.07 6.60
CA LYS A 83 8.43 -9.30 7.78
CA LYS A 83 8.37 -9.29 7.79
C LYS A 83 9.35 -8.23 7.30
N VAL A 84 8.86 -7.00 7.25
CA VAL A 84 9.59 -5.90 6.64
C VAL A 84 9.79 -4.75 7.64
N LYS A 85 10.81 -3.95 7.35
CA LYS A 85 11.06 -2.67 8.03
C LYS A 85 10.54 -1.57 7.12
N SER A 86 9.53 -0.85 7.61
CA SER A 86 8.82 0.15 6.81
C SER A 86 9.03 1.54 7.35
N THR A 87 9.11 2.50 6.40
CA THR A 87 9.11 3.94 6.73
C THR A 87 8.17 4.60 5.77
N ILE A 88 7.29 5.44 6.29
CA ILE A 88 6.35 6.20 5.48
C ILE A 88 6.58 7.68 5.71
N THR A 89 6.75 8.40 4.61
CA THR A 89 7.02 9.82 4.65
C THR A 89 6.07 10.52 3.67
N LEU A 90 5.91 11.84 3.84
CA LEU A 90 5.20 12.67 2.92
C LEU A 90 6.25 13.44 2.09
N ASP A 91 6.24 13.28 0.78
CA ASP A 91 7.15 13.94 -0.12
C ASP A 91 6.38 14.67 -1.12
N GLY A 92 6.38 15.98 -1.02
CA GLY A 92 5.60 16.72 -1.99
C GLY A 92 4.11 16.34 -2.12
N GLY A 93 3.50 16.09 -1.00
CA GLY A 93 2.09 15.68 -1.02
C GLY A 93 1.76 14.21 -1.34
N VAL A 94 2.81 13.39 -1.55
CA VAL A 94 2.69 11.97 -1.87
C VAL A 94 3.12 11.20 -0.64
N LEU A 95 2.31 10.23 -0.26
CA LEU A 95 2.71 9.33 0.86
CA LEU A 95 2.71 9.34 0.85
C LEU A 95 3.61 8.26 0.24
N VAL A 96 4.83 8.16 0.73
CA VAL A 96 5.84 7.26 0.20
C VAL A 96 6.16 6.20 1.28
N HIS A 97 5.84 4.94 0.96
CA HIS A 97 5.99 3.82 1.88
C HIS A 97 7.05 2.88 1.37
N VAL A 98 8.19 2.84 2.05
CA VAL A 98 9.32 1.99 1.65
C VAL A 98 9.34 0.79 2.61
N GLN A 99 9.48 -0.42 2.04
CA GLN A 99 9.63 -1.65 2.77
C GLN A 99 10.95 -2.27 2.44
N LYS A 100 11.69 -2.63 3.50
CA LYS A 100 13.03 -3.23 3.40
C LYS A 100 12.99 -4.61 4.02
N TRP A 101 13.48 -5.65 3.30
CA TRP A 101 13.54 -6.99 3.91
C TRP A 101 14.47 -7.83 3.08
N ASP A 102 15.29 -8.66 3.72
CA ASP A 102 16.14 -9.65 3.01
CA ASP A 102 16.14 -9.65 3.01
C ASP A 102 17.01 -8.99 1.95
N GLY A 103 17.45 -7.77 2.22
CA GLY A 103 18.28 -7.05 1.25
C GLY A 103 17.53 -6.46 0.05
N LYS A 104 16.21 -6.58 0.04
CA LYS A 104 15.38 -6.07 -1.03
C LYS A 104 14.62 -4.82 -0.57
N SER A 105 14.03 -4.16 -1.54
CA SER A 105 13.23 -2.93 -1.24
C SER A 105 12.10 -2.81 -2.23
N THR A 106 10.96 -2.33 -1.75
CA THR A 106 9.85 -1.95 -2.62
C THR A 106 9.23 -0.69 -2.08
N THR A 107 8.70 0.12 -2.96
CA THR A 107 8.06 1.38 -2.60
C THR A 107 6.65 1.43 -3.10
N ILE A 108 5.73 1.87 -2.20
CA ILE A 108 4.31 2.04 -2.49
C ILE A 108 4.01 3.51 -2.29
N LYS A 109 3.60 4.18 -3.34
CA LYS A 109 3.26 5.60 -3.31
C LYS A 109 1.74 5.74 -3.36
N ARG A 110 1.20 6.68 -2.58
CA ARG A 110 -0.24 6.97 -2.57
C ARG A 110 -0.35 8.47 -2.84
N LYS A 111 -1.20 8.80 -3.84
CA LYS A 111 -1.38 10.12 -4.35
C LYS A 111 -2.84 10.47 -4.51
N ARG A 112 -3.26 11.70 -4.24
CA ARG A 112 -4.57 12.15 -4.59
C ARG A 112 -4.49 12.83 -5.92
N GLU A 113 -5.35 12.32 -6.84
CA GLU A 113 -5.43 12.81 -8.19
C GLU A 113 -6.91 12.91 -8.59
N ASP A 114 -7.33 14.15 -8.83
CA ASP A 114 -8.77 14.41 -9.01
C ASP A 114 -9.49 13.85 -7.82
N ASP A 115 -10.58 13.05 -8.03
CA ASP A 115 -11.31 12.46 -6.92
C ASP A 115 -10.87 11.09 -6.52
N LYS A 116 -9.71 10.69 -7.06
CA LYS A 116 -9.17 9.34 -6.85
C LYS A 116 -7.98 9.39 -5.91
N LEU A 117 -7.72 8.20 -5.35
CA LEU A 117 -6.53 7.92 -4.58
C LEU A 117 -5.81 6.82 -5.43
N VAL A 118 -4.63 7.19 -5.94
CA VAL A 118 -3.85 6.38 -6.84
C VAL A 118 -2.69 5.74 -6.07
N VAL A 119 -2.56 4.43 -6.16
CA VAL A 119 -1.50 3.66 -5.49
C VAL A 119 -0.58 3.12 -6.59
N GLU A 120 0.70 3.44 -6.44
CA GLU A 120 1.75 2.97 -7.38
C GLU A 120 2.74 2.15 -6.59
N CYS A 121 2.91 0.89 -6.98
CA CYS A 121 3.73 -0.08 -6.29
C CYS A 121 4.91 -0.41 -7.20
N VAL A 122 6.16 -0.28 -6.74
CA VAL A 122 7.30 -0.46 -7.62
C VAL A 122 8.28 -1.41 -6.94
N MET A 123 8.80 -2.37 -7.72
CA MET A 123 9.96 -3.12 -7.34
C MET A 123 10.77 -3.41 -8.55
N LYS A 124 12.02 -2.96 -8.51
N LYS A 124 12.01 -2.93 -8.51
CA LYS A 124 12.96 -3.09 -9.59
CA LYS A 124 12.94 -3.01 -9.59
C LYS A 124 12.21 -2.40 -10.68
C LYS A 124 12.25 -2.36 -10.74
N GLY A 125 12.10 -3.00 -11.81
CA GLY A 125 11.44 -2.20 -12.93
C GLY A 125 9.92 -2.45 -13.08
N VAL A 126 9.34 -3.18 -12.13
CA VAL A 126 7.96 -3.63 -12.22
C VAL A 126 7.08 -2.74 -11.39
N THR A 127 6.15 -2.07 -12.05
CA THR A 127 5.23 -1.19 -11.40
CA THR A 127 5.22 -1.19 -11.38
C THR A 127 3.78 -1.67 -11.56
N SER A 128 2.97 -1.42 -10.58
CA SER A 128 1.54 -1.64 -10.63
C SER A 128 0.83 -0.36 -10.17
N THR A 129 -0.24 -0.04 -10.89
CA THR A 129 -1.06 1.13 -10.56
C THR A 129 -2.47 0.66 -10.19
N ARG A 130 -2.93 1.06 -9.03
CA ARG A 130 -4.22 0.68 -8.49
C ARG A 130 -4.98 1.96 -8.13
N VAL A 131 -6.22 2.09 -8.61
CA VAL A 131 -6.98 3.29 -8.48
C VAL A 131 -8.13 3.03 -7.54
N TYR A 132 -8.32 3.93 -6.56
CA TYR A 132 -9.39 3.85 -5.57
C TYR A 132 -10.24 5.13 -5.70
N GLU A 133 -11.51 4.94 -5.41
CA GLU A 133 -12.53 6.01 -5.34
CA GLU A 133 -12.41 6.11 -5.25
C GLU A 133 -13.12 6.07 -3.94
N ARG A 134 -13.72 7.22 -3.54
CA ARG A 134 -14.39 7.24 -2.26
C ARG A 134 -15.54 6.27 -2.19
N ALA A 135 -15.61 5.57 -1.04
CA ALA A 135 -16.66 4.59 -0.81
C ALA A 135 -18.00 5.23 -0.55
C01 WMQ B . 0.35 -5.79 -0.46
C04 WMQ B . -0.28 -2.99 -0.99
C06 WMQ B . -1.02 -2.39 -3.09
C07 WMQ B . -1.98 -2.04 -2.17
C13 WMQ B . -0.86 -8.23 -1.30
C15 WMQ B . 1.10 -6.76 -1.11
C16 WMQ B . 0.49 -7.95 -1.51
C17 WMQ B . 1.46 -8.72 -2.11
C18 WMQ B . 2.60 -7.99 -2.14
O02 WMQ B . 1.02 -4.65 -0.10
C03 WMQ B . 0.32 -3.50 0.23
S05 WMQ B . 0.27 -3.12 -2.52
N08 WMQ B . -1.55 -2.43 -0.79
C09 WMQ B . -3.23 -1.40 -2.33
O10 WMQ B . -3.76 -1.43 -3.43
O11 WMQ B . -3.78 -0.85 -1.31
C12 WMQ B . -1.00 -6.06 -0.27
C14 WMQ B . -1.62 -7.25 -0.66
N19 WMQ B . 2.39 -6.79 -1.47
H22 WMQ B . -1.14 -2.22 -4.04
H25 WMQ B . -1.26 -9.06 -1.59
H27 WMQ B . 1.34 -9.60 -2.51
H28 WMQ B . 3.46 -8.30 -2.46
H20 WMQ B . 0.94 -2.85 0.59
H21 WMQ B . -0.36 -3.70 0.90
H24 WMQ B . -1.55 -5.40 0.20
H26 WMQ B . -2.55 -7.40 -0.47
H29 WMQ B . 3.01 -6.14 -1.33
C1 EDO C . 1.15 -4.57 10.96
O1 EDO C . 2.19 -5.66 11.08
C2 EDO C . 0.15 -4.76 9.77
O2 EDO C . 0.29 -5.16 8.41
S SO4 D . -3.99 -7.09 -12.14
O1 SO4 D . -5.07 -7.41 -11.22
O2 SO4 D . -3.54 -5.74 -11.84
O3 SO4 D . -4.53 -7.15 -13.50
O4 SO4 D . -2.92 -8.08 -12.08
S SO4 E . 0.26 -16.28 -13.28
O1 SO4 E . 0.22 -15.50 -12.06
O2 SO4 E . -1.08 -16.50 -13.81
O3 SO4 E . 0.97 -17.59 -13.31
O4 SO4 E . 1.00 -15.66 -14.42
#